data_4N4T
#
_entry.id   4N4T
#
_cell.length_a   41.944
_cell.length_b   77.879
_cell.length_c   147.647
_cell.angle_alpha   90
_cell.angle_beta   90
_cell.angle_gamma   90
#
_symmetry.space_group_name_H-M   'P 21 21 21'
#
loop_
_entity.id
_entity.type
_entity.pdbx_description
1 polymer Tankyrase-1
2 non-polymer 'ZINC ION'
3 non-polymer (4S)-3-{4-[6-amino-5-(pyrimidin-2-yl)pyridin-3-yl]phenyl}-5,5-dimethyl-4-phenyl-1,3-oxazolidin-2-one
4 water water
#
_entity_poly.entity_id   1
_entity_poly.type   'polypeptide(L)'
_entity_poly.pdbx_seq_one_letter_code
;QGTILLDLAPEDKEYQSVEEEMQSTIREHRDGGNAGGIFNRYNVIRIQKVVNKKLRERFCHRQKEVSEENHNHHNERMLF
HGSPFINAIIHKGFDERHAYIGGMFGAGIYFAENSSKSNQYVYGIGGGTGCPTHKDRSCYICHRQMLFCRVTLGKSFLQF
STMKMAHAPPGHHSVIGRPSVNGLAYAEYVIYRGEQAYPEYLITYQIMKPEHHHHHH
;
_entity_poly.pdbx_strand_id   A,B
#
# COMPACT_ATOMS: atom_id res chain seq x y z
N GLN A 1 -21.87 30.13 5.20
CA GLN A 1 -20.74 29.74 6.11
C GLN A 1 -21.22 28.74 7.14
N GLY A 2 -20.39 27.73 7.42
CA GLY A 2 -20.76 26.73 8.40
C GLY A 2 -21.23 25.48 7.67
N THR A 3 -21.47 24.43 8.43
CA THR A 3 -21.91 23.18 7.84
C THR A 3 -23.43 23.05 7.71
N ILE A 4 -23.86 22.44 6.62
CA ILE A 4 -25.27 22.20 6.35
C ILE A 4 -25.44 20.69 6.20
N LEU A 5 -26.26 20.09 7.04
CA LEU A 5 -26.51 18.66 6.98
C LEU A 5 -27.75 18.44 6.13
N LEU A 6 -27.66 17.61 5.10
CA LEU A 6 -28.82 17.34 4.24
C LEU A 6 -29.27 15.91 4.39
N ASP A 7 -30.54 15.73 4.72
CA ASP A 7 -31.07 14.39 4.87
C ASP A 7 -31.26 13.75 3.51
N LEU A 8 -30.99 12.46 3.44
CA LEU A 8 -31.18 11.73 2.20
C LEU A 8 -32.43 10.90 2.46
N ALA A 9 -33.24 10.70 1.45
CA ALA A 9 -34.45 9.91 1.62
C ALA A 9 -34.04 8.46 1.45
N PRO A 10 -34.58 7.56 2.28
CA PRO A 10 -34.22 6.14 2.18
C PRO A 10 -34.46 5.56 0.79
N GLU A 11 -35.20 6.27 -0.04
CA GLU A 11 -35.46 5.82 -1.40
C GLU A 11 -34.32 6.22 -2.31
N ASP A 12 -33.57 7.25 -1.90
CA ASP A 12 -32.44 7.74 -2.69
C ASP A 12 -31.42 6.64 -2.86
N LYS A 13 -30.83 6.55 -4.05
CA LYS A 13 -29.84 5.52 -4.33
C LYS A 13 -28.62 5.72 -3.43
N GLU A 14 -28.23 6.97 -3.24
CA GLU A 14 -27.09 7.31 -2.40
C GLU A 14 -27.31 6.74 -0.99
N TYR A 15 -28.47 7.04 -0.41
CA TYR A 15 -28.82 6.54 0.91
C TYR A 15 -28.67 5.02 0.95
N GLN A 16 -29.32 4.35 0.00
CA GLN A 16 -29.26 2.89 -0.04
C GLN A 16 -27.86 2.37 -0.15
N SER A 17 -27.03 3.06 -0.94
CA SER A 17 -25.65 2.66 -1.13
C SER A 17 -24.82 2.84 0.15
N VAL A 18 -25.08 3.90 0.91
CA VAL A 18 -24.31 4.11 2.13
C VAL A 18 -24.72 3.10 3.21
N GLU A 19 -26.01 2.80 3.31
CA GLU A 19 -26.45 1.83 4.30
C GLU A 19 -26.01 0.40 4.01
N GLU A 20 -25.94 -0.01 2.74
CA GLU A 20 -25.50 -1.38 2.47
C GLU A 20 -24.02 -1.57 2.82
N GLU A 21 -23.21 -0.57 2.50
CA GLU A 21 -21.79 -0.66 2.80
C GLU A 21 -21.59 -0.86 4.30
N MET A 22 -22.39 -0.16 5.09
CA MET A 22 -22.31 -0.24 6.53
C MET A 22 -22.81 -1.58 7.08
N GLN A 23 -23.98 -2.02 6.64
CA GLN A 23 -24.52 -3.29 7.10
C GLN A 23 -23.68 -4.48 6.65
N SER A 24 -23.13 -4.41 5.44
CA SER A 24 -22.33 -5.51 4.90
C SER A 24 -20.88 -5.55 5.36
N THR A 25 -20.44 -4.52 6.06
CA THR A 25 -19.06 -4.53 6.55
C THR A 25 -19.03 -4.81 8.05
N ILE A 26 -20.02 -5.57 8.49
CA ILE A 26 -20.09 -5.95 9.88
C ILE A 26 -19.34 -7.27 9.96
N ARG A 27 -18.39 -7.34 10.88
CA ARG A 27 -17.59 -8.54 11.04
C ARG A 27 -17.56 -8.97 12.50
N GLU A 28 -17.11 -10.19 12.77
CA GLU A 28 -17.02 -10.63 14.15
C GLU A 28 -15.66 -10.22 14.62
N HIS A 29 -15.58 -9.84 15.87
CA HIS A 29 -14.31 -9.44 16.45
C HIS A 29 -14.01 -10.42 17.58
N ARG A 30 -12.72 -10.66 17.83
CA ARG A 30 -12.31 -11.60 18.89
C ARG A 30 -12.55 -10.91 20.24
N ASP A 31 -13.55 -10.03 20.22
CA ASP A 31 -13.96 -9.17 21.33
C ASP A 31 -14.96 -9.76 22.33
N GLY A 32 -15.76 -10.71 21.85
CA GLY A 32 -16.82 -11.26 22.67
C GLY A 32 -17.88 -10.17 22.58
N GLY A 33 -17.57 -9.14 21.80
CA GLY A 33 -18.48 -8.02 21.63
C GLY A 33 -18.28 -7.00 22.74
N ASN A 34 -17.23 -7.20 23.53
CA ASN A 34 -16.95 -6.31 24.63
C ASN A 34 -16.93 -4.82 24.32
N ALA A 35 -16.13 -4.45 23.32
CA ALA A 35 -15.97 -3.06 22.91
C ALA A 35 -17.16 -2.42 22.22
N GLY A 36 -17.58 -2.98 21.10
CA GLY A 36 -18.70 -2.43 20.35
C GLY A 36 -20.12 -2.93 20.60
N GLY A 37 -20.28 -4.06 21.27
CA GLY A 37 -21.63 -4.58 21.54
C GLY A 37 -21.96 -5.84 20.77
N ILE A 38 -23.00 -6.54 21.19
CA ILE A 38 -23.39 -7.77 20.52
C ILE A 38 -24.54 -7.47 19.56
N PHE A 39 -24.29 -7.76 18.30
CA PHE A 39 -25.28 -7.50 17.29
C PHE A 39 -24.80 -8.04 15.97
N ASN A 40 -25.69 -8.19 15.01
CA ASN A 40 -25.25 -8.61 13.70
C ASN A 40 -25.89 -7.75 12.63
N ARG A 41 -26.49 -6.64 13.06
CA ARG A 41 -27.10 -5.66 12.16
C ARG A 41 -27.35 -4.34 12.89
N TYR A 42 -27.42 -3.26 12.11
CA TYR A 42 -27.66 -1.93 12.64
C TYR A 42 -29.08 -1.47 12.29
N ASN A 43 -29.61 -0.53 13.07
CA ASN A 43 -30.90 0.07 12.74
C ASN A 43 -30.45 1.45 12.29
N VAL A 44 -30.36 1.66 10.99
CA VAL A 44 -29.92 2.93 10.46
C VAL A 44 -31.08 3.89 10.64
N ILE A 45 -30.90 4.80 11.55
CA ILE A 45 -31.96 5.74 11.74
C ILE A 45 -31.87 7.03 10.94
N ARG A 46 -30.71 7.36 10.39
CA ARG A 46 -30.56 8.58 9.60
C ARG A 46 -29.23 8.68 8.87
N ILE A 47 -29.24 9.37 7.74
CA ILE A 47 -28.03 9.56 6.94
C ILE A 47 -28.10 10.95 6.35
N GLN A 48 -27.13 11.76 6.71
CA GLN A 48 -27.08 13.13 6.25
C GLN A 48 -25.76 13.40 5.51
N LYS A 49 -25.86 14.10 4.38
CA LYS A 49 -24.67 14.46 3.63
C LYS A 49 -24.17 15.73 4.32
N VAL A 50 -22.86 15.78 4.58
CA VAL A 50 -22.25 16.94 5.22
C VAL A 50 -21.77 17.91 4.15
N VAL A 51 -22.44 19.05 4.06
CA VAL A 51 -22.10 20.05 3.06
C VAL A 51 -21.41 21.23 3.72
N ASN A 52 -20.15 21.49 3.31
CA ASN A 52 -19.40 22.63 3.84
C ASN A 52 -18.41 23.08 2.77
N LYS A 53 -18.65 24.27 2.22
CA LYS A 53 -17.83 24.85 1.15
C LYS A 53 -16.33 25.02 1.46
N LYS A 54 -16.01 25.53 2.65
CA LYS A 54 -14.63 25.72 3.07
C LYS A 54 -13.90 24.40 3.21
N LEU A 55 -14.49 23.48 3.97
CA LEU A 55 -13.90 22.16 4.17
C LEU A 55 -13.69 21.41 2.86
N ARG A 56 -14.57 21.60 1.88
CA ARG A 56 -14.41 20.90 0.62
C ARG A 56 -13.19 21.48 -0.11
N GLU A 57 -13.00 22.79 0.02
CA GLU A 57 -11.86 23.44 -0.63
C GLU A 57 -10.55 23.07 0.04
N ARG A 58 -10.49 23.03 1.36
CA ARG A 58 -9.23 22.66 2.02
C ARG A 58 -8.89 21.26 1.51
N PHE A 59 -9.90 20.39 1.51
CA PHE A 59 -9.76 19.01 1.08
C PHE A 59 -9.24 18.88 -0.34
N CYS A 60 -9.83 19.64 -1.26
CA CYS A 60 -9.42 19.59 -2.67
C CYS A 60 -8.00 20.16 -2.87
N HIS A 61 -7.63 21.16 -2.10
CA HIS A 61 -6.30 21.75 -2.21
C HIS A 61 -5.25 20.73 -1.78
N ARG A 62 -5.46 20.09 -0.65
CA ARG A 62 -4.54 19.07 -0.14
C ARG A 62 -4.49 17.87 -1.08
N GLN A 63 -5.61 17.56 -1.71
CA GLN A 63 -5.62 16.43 -2.61
C GLN A 63 -4.74 16.72 -3.82
N LYS A 64 -4.62 18.00 -4.16
CA LYS A 64 -3.80 18.36 -5.30
C LYS A 64 -2.34 18.17 -4.94
N GLU A 65 -1.93 18.68 -3.77
CA GLU A 65 -0.53 18.57 -3.34
C GLU A 65 -0.07 17.10 -3.27
N VAL A 66 -0.96 16.22 -2.83
CA VAL A 66 -0.69 14.80 -2.72
C VAL A 66 -0.54 14.11 -4.09
N SER A 67 -1.41 14.45 -5.04
CA SER A 67 -1.34 13.89 -6.38
C SER A 67 0.00 14.24 -7.03
N GLU A 68 0.37 15.51 -6.90
CA GLU A 68 1.63 15.98 -7.45
C GLU A 68 2.77 15.06 -7.00
N GLU A 69 2.81 14.77 -5.70
CA GLU A 69 3.84 13.92 -5.10
C GLU A 69 3.62 12.44 -5.33
N ASN A 70 2.42 12.04 -5.71
CA ASN A 70 2.18 10.63 -5.91
C ASN A 70 1.95 10.23 -7.36
N HIS A 71 2.58 10.94 -8.29
CA HIS A 71 2.44 10.61 -9.70
C HIS A 71 1.02 10.78 -10.18
N ASN A 72 0.42 11.88 -9.75
CA ASN A 72 -0.95 12.22 -10.13
C ASN A 72 -1.96 11.19 -9.65
N HIS A 73 -1.61 10.48 -8.58
CA HIS A 73 -2.51 9.49 -7.99
C HIS A 73 -2.77 9.91 -6.55
N HIS A 74 -3.96 10.43 -6.28
CA HIS A 74 -4.27 10.85 -4.91
C HIS A 74 -4.74 9.66 -4.07
N ASN A 75 -4.98 8.54 -4.75
CA ASN A 75 -5.40 7.29 -4.12
C ASN A 75 -6.49 7.46 -3.06
N GLU A 76 -7.66 7.92 -3.50
CA GLU A 76 -8.79 8.18 -2.61
C GLU A 76 -9.64 6.97 -2.26
N ARG A 77 -10.10 6.89 -1.01
CA ARG A 77 -10.96 5.80 -0.59
C ARG A 77 -12.08 6.21 0.40
N MET A 78 -13.19 5.47 0.35
CA MET A 78 -14.32 5.74 1.22
C MET A 78 -14.12 4.86 2.44
N LEU A 79 -14.00 5.48 3.60
CA LEU A 79 -13.78 4.74 4.84
C LEU A 79 -14.59 5.26 6.01
N PHE A 80 -14.81 4.38 6.98
CA PHE A 80 -15.58 4.72 8.17
C PHE A 80 -14.68 5.28 9.27
N HIS A 81 -15.30 6.04 10.17
CA HIS A 81 -14.60 6.62 11.31
C HIS A 81 -15.55 6.66 12.50
N GLY A 82 -15.08 6.19 13.64
CA GLY A 82 -15.92 6.23 14.82
C GLY A 82 -15.18 6.86 15.98
N SER A 83 -15.79 7.85 16.60
CA SER A 83 -15.17 8.49 17.75
C SER A 83 -16.19 9.38 18.41
N PRO A 84 -15.95 9.74 19.68
CA PRO A 84 -16.83 10.60 20.46
C PRO A 84 -16.82 12.04 19.96
N PHE A 85 -16.02 12.33 18.94
CA PHE A 85 -15.92 13.70 18.45
C PHE A 85 -16.53 13.99 17.10
N ILE A 86 -17.49 13.19 16.66
CA ILE A 86 -18.11 13.38 15.36
C ILE A 86 -18.75 14.75 15.15
N ASN A 87 -19.47 15.20 16.16
CA ASN A 87 -20.15 16.48 16.11
C ASN A 87 -19.20 17.65 15.89
N ALA A 88 -18.02 17.61 16.51
CA ALA A 88 -17.04 18.67 16.32
C ALA A 88 -16.42 18.51 14.94
N ILE A 89 -16.18 17.26 14.53
CA ILE A 89 -15.58 16.97 13.23
C ILE A 89 -16.45 17.47 12.06
N ILE A 90 -17.76 17.23 12.14
CA ILE A 90 -18.64 17.65 11.05
C ILE A 90 -18.77 19.16 10.96
N HIS A 91 -18.36 19.85 12.00
CA HIS A 91 -18.43 21.30 11.95
C HIS A 91 -17.11 21.95 11.62
N LYS A 92 -16.04 21.51 12.26
CA LYS A 92 -14.73 22.11 12.01
C LYS A 92 -13.83 21.29 11.14
N GLY A 93 -14.26 20.08 10.78
CA GLY A 93 -13.43 19.21 9.97
C GLY A 93 -12.49 18.44 10.86
N PHE A 94 -11.77 17.48 10.28
CA PHE A 94 -10.80 16.67 11.02
C PHE A 94 -9.59 17.51 11.43
N ASP A 95 -9.17 17.36 12.68
CA ASP A 95 -8.04 18.12 13.23
C ASP A 95 -7.00 17.24 13.92
N GLU A 96 -5.84 17.07 13.29
CA GLU A 96 -4.77 16.25 13.86
C GLU A 96 -4.31 16.69 15.24
N ARG A 97 -4.49 17.97 15.54
CA ARG A 97 -4.09 18.49 16.84
C ARG A 97 -4.77 17.75 17.99
N HIS A 98 -5.88 17.06 17.72
CA HIS A 98 -6.55 16.31 18.79
C HIS A 98 -6.14 14.83 18.85
N ALA A 99 -5.12 14.45 18.09
CA ALA A 99 -4.63 13.07 18.08
C ALA A 99 -3.31 12.96 18.85
N TYR A 100 -3.15 11.90 19.63
CA TYR A 100 -1.93 11.71 20.41
C TYR A 100 -1.31 10.32 20.35
N ILE A 101 0.01 10.28 20.52
CA ILE A 101 0.73 9.02 20.52
C ILE A 101 0.36 8.41 21.86
N GLY A 102 -0.03 7.13 21.85
CA GLY A 102 -0.38 6.47 23.09
C GLY A 102 -1.04 5.14 22.81
N GLY A 103 -0.93 4.19 23.73
CA GLY A 103 -1.52 2.88 23.52
C GLY A 103 -0.97 2.26 22.24
N MET A 104 -1.83 1.68 21.41
CA MET A 104 -1.38 1.08 20.16
C MET A 104 -1.43 2.15 19.10
N PHE A 105 -1.99 3.31 19.45
CA PHE A 105 -2.14 4.37 18.48
C PHE A 105 -1.09 5.47 18.44
N GLY A 106 -0.87 5.98 17.22
CA GLY A 106 0.09 7.04 17.01
C GLY A 106 -0.69 8.35 17.04
N ALA A 107 -0.04 9.47 16.72
CA ALA A 107 -0.72 10.75 16.75
C ALA A 107 -1.38 11.04 15.40
N GLY A 108 -2.34 10.20 15.02
CA GLY A 108 -3.03 10.39 13.76
C GLY A 108 -4.51 10.01 13.85
N ILE A 109 -5.23 10.23 12.76
CA ILE A 109 -6.65 9.90 12.68
C ILE A 109 -6.80 8.55 11.98
N TYR A 110 -7.38 7.60 12.71
CA TYR A 110 -7.60 6.24 12.23
C TYR A 110 -8.95 6.05 11.56
N PHE A 111 -8.94 5.25 10.51
CA PHE A 111 -10.12 4.96 9.69
C PHE A 111 -10.21 3.45 9.44
N ALA A 112 -11.38 2.97 9.03
CA ALA A 112 -11.57 1.55 8.77
C ALA A 112 -12.56 1.21 7.64
N GLU A 113 -12.37 0.06 6.99
CA GLU A 113 -13.25 -0.38 5.92
C GLU A 113 -14.50 -1.04 6.52
N ASN A 114 -14.34 -1.63 7.70
CA ASN A 114 -15.42 -2.31 8.42
C ASN A 114 -16.11 -1.37 9.41
N SER A 115 -17.39 -1.13 9.19
CA SER A 115 -18.15 -0.26 10.07
C SER A 115 -18.18 -0.82 11.49
N SER A 116 -18.13 -2.15 11.64
CA SER A 116 -18.15 -2.73 12.96
C SER A 116 -16.85 -2.41 13.69
N LYS A 117 -15.80 -2.10 12.94
CA LYS A 117 -14.52 -1.73 13.54
C LYS A 117 -14.62 -0.31 14.10
N SER A 118 -15.23 0.59 13.31
CA SER A 118 -15.41 1.96 13.73
C SER A 118 -16.40 2.06 14.90
N ASN A 119 -17.39 1.18 14.92
CA ASN A 119 -18.39 1.17 15.99
C ASN A 119 -17.72 0.95 17.35
N GLN A 120 -16.65 0.17 17.38
CA GLN A 120 -15.93 -0.11 18.62
C GLN A 120 -15.37 1.15 19.26
N TYR A 121 -15.16 2.21 18.47
CA TYR A 121 -14.60 3.44 19.00
C TYR A 121 -15.56 4.60 19.25
N VAL A 122 -16.82 4.42 18.89
CA VAL A 122 -17.82 5.47 19.08
C VAL A 122 -17.89 6.03 20.51
N TYR A 123 -17.66 5.18 21.51
CA TYR A 123 -17.70 5.62 22.89
C TYR A 123 -16.33 5.65 23.55
N GLY A 124 -15.27 5.59 22.74
CA GLY A 124 -13.93 5.64 23.29
C GLY A 124 -13.08 4.42 22.97
N ILE A 125 -11.77 4.54 23.25
CA ILE A 125 -10.82 3.46 23.02
C ILE A 125 -11.33 2.21 23.71
N GLY A 126 -11.60 1.16 22.93
CA GLY A 126 -12.15 -0.05 23.52
C GLY A 126 -13.62 0.14 23.87
N GLY A 127 -14.23 1.21 23.37
CA GLY A 127 -15.63 1.47 23.67
C GLY A 127 -15.80 2.28 24.96
N GLY A 128 -14.71 2.44 25.70
CA GLY A 128 -14.77 3.20 26.94
C GLY A 128 -15.71 2.57 27.96
N THR A 129 -16.53 3.40 28.59
CA THR A 129 -17.49 2.93 29.59
C THR A 129 -18.89 2.87 28.99
N GLY A 130 -18.94 2.82 27.66
CA GLY A 130 -20.21 2.74 26.95
C GLY A 130 -20.92 4.07 26.80
N CYS A 131 -22.23 4.01 26.56
CA CYS A 131 -23.03 5.20 26.39
C CYS A 131 -23.00 6.09 27.65
N PRO A 132 -23.26 7.39 27.48
CA PRO A 132 -23.26 8.31 28.61
C PRO A 132 -24.38 8.00 29.60
N THR A 133 -25.58 7.77 29.07
CA THR A 133 -26.72 7.51 29.95
C THR A 133 -26.73 6.20 30.71
N HIS A 134 -26.42 5.10 30.06
CA HIS A 134 -26.44 3.82 30.77
C HIS A 134 -25.05 3.20 30.96
N LYS A 135 -24.00 3.89 30.51
CA LYS A 135 -22.65 3.34 30.62
C LYS A 135 -22.68 1.86 30.21
N ASP A 136 -23.24 1.59 29.04
CA ASP A 136 -23.37 0.24 28.50
C ASP A 136 -22.73 0.21 27.12
N ARG A 137 -21.70 -0.59 26.91
CA ARG A 137 -21.05 -0.65 25.60
C ARG A 137 -21.94 -1.34 24.57
N SER A 138 -22.91 -2.12 25.04
CA SER A 138 -23.82 -2.82 24.14
C SER A 138 -25.22 -2.21 24.15
N CYS A 139 -25.31 -0.93 24.54
CA CYS A 139 -26.62 -0.28 24.60
C CYS A 139 -27.37 -0.28 23.26
N TYR A 140 -28.62 -0.74 23.31
CA TYR A 140 -29.46 -0.79 22.11
C TYR A 140 -30.44 0.37 22.09
N ILE A 141 -30.36 1.22 23.11
CA ILE A 141 -31.23 2.38 23.26
C ILE A 141 -30.66 3.67 22.67
N CYS A 142 -29.45 4.02 23.10
CA CYS A 142 -28.84 5.25 22.64
C CYS A 142 -28.39 5.27 21.18
N HIS A 143 -28.52 6.43 20.57
CA HIS A 143 -28.16 6.61 19.18
C HIS A 143 -26.68 6.88 19.00
N ARG A 144 -26.07 6.13 18.09
CA ARG A 144 -24.65 6.26 17.80
C ARG A 144 -24.46 6.99 16.49
N GLN A 145 -23.26 7.52 16.30
CA GLN A 145 -22.94 8.22 15.06
C GLN A 145 -21.58 7.80 14.56
N MET A 146 -21.47 7.66 13.25
CA MET A 146 -20.21 7.36 12.61
C MET A 146 -20.21 8.08 11.26
N LEU A 147 -19.03 8.28 10.71
CA LEU A 147 -18.85 8.96 9.46
C LEU A 147 -18.28 8.08 8.36
N PHE A 148 -18.84 8.22 7.17
CA PHE A 148 -18.36 7.49 5.99
C PHE A 148 -17.71 8.64 5.24
N CYS A 149 -16.39 8.72 5.31
CA CYS A 149 -15.67 9.81 4.68
C CYS A 149 -14.75 9.50 3.49
N ARG A 150 -14.43 10.56 2.76
CA ARG A 150 -13.51 10.53 1.63
C ARG A 150 -12.15 10.72 2.26
N VAL A 151 -11.20 9.84 1.97
CA VAL A 151 -9.86 9.89 2.54
C VAL A 151 -8.77 9.84 1.49
N THR A 152 -7.96 10.89 1.43
CA THR A 152 -6.86 10.98 0.47
C THR A 152 -5.65 10.27 1.09
N LEU A 153 -5.37 9.07 0.61
CA LEU A 153 -4.24 8.28 1.13
C LEU A 153 -2.93 8.56 0.41
N GLY A 154 -3.01 8.93 -0.86
CA GLY A 154 -1.79 9.17 -1.61
C GLY A 154 -0.94 7.92 -1.55
N LYS A 155 0.35 8.08 -1.24
CA LYS A 155 1.25 6.93 -1.16
C LYS A 155 1.29 6.41 0.28
N SER A 156 0.63 5.27 0.52
CA SER A 156 0.57 4.67 1.85
C SER A 156 1.81 3.90 2.24
N PHE A 157 2.15 3.94 3.52
CA PHE A 157 3.28 3.18 4.02
C PHE A 157 2.73 2.01 4.83
N LEU A 158 2.96 0.80 4.33
CA LEU A 158 2.49 -0.43 4.98
C LEU A 158 3.36 -0.86 6.15
N GLN A 159 2.75 -0.96 7.34
CA GLN A 159 3.43 -1.39 8.57
C GLN A 159 2.55 -2.43 9.28
N PHE A 160 2.98 -2.84 10.47
CA PHE A 160 2.24 -3.77 11.32
C PHE A 160 1.70 -3.01 12.54
N SER A 161 2.53 -2.13 13.10
CA SER A 161 2.12 -1.31 14.26
C SER A 161 2.12 0.18 13.94
N THR A 162 1.07 0.86 14.37
CA THR A 162 0.85 2.30 14.15
C THR A 162 1.21 3.20 15.34
N MET A 163 1.61 2.60 16.45
CA MET A 163 1.97 3.38 17.62
C MET A 163 3.37 3.88 17.38
N LYS A 164 3.68 5.06 17.87
CA LYS A 164 5.01 5.67 17.73
C LYS A 164 5.16 6.61 16.55
N MET A 165 4.15 6.71 15.71
CA MET A 165 4.20 7.60 14.54
C MET A 165 3.58 8.96 14.85
N ALA A 166 4.20 10.02 14.34
CA ALA A 166 3.69 11.37 14.55
C ALA A 166 3.23 11.93 13.21
N HIS A 167 3.95 11.56 12.15
CA HIS A 167 3.62 11.95 10.78
C HIS A 167 3.88 10.76 9.85
N ALA A 168 3.45 10.85 8.60
CA ALA A 168 3.70 9.75 7.67
C ALA A 168 5.21 9.75 7.40
N PRO A 169 5.77 8.62 6.96
CA PRO A 169 7.21 8.57 6.68
C PRO A 169 7.53 9.45 5.49
N PRO A 170 8.82 9.83 5.33
CA PRO A 170 9.20 10.68 4.21
C PRO A 170 8.68 10.12 2.89
N GLY A 171 8.20 11.00 2.02
CA GLY A 171 7.68 10.55 0.74
C GLY A 171 6.28 9.97 0.79
N HIS A 172 5.75 9.69 1.99
CA HIS A 172 4.41 9.13 2.11
C HIS A 172 3.37 10.11 2.64
N HIS A 173 2.09 9.72 2.57
CA HIS A 173 1.02 10.60 3.01
C HIS A 173 0.01 9.91 3.92
N SER A 174 0.21 8.62 4.15
CA SER A 174 -0.66 7.86 5.03
C SER A 174 0.02 6.55 5.42
N VAL A 175 -0.41 5.99 6.55
CA VAL A 175 0.14 4.75 7.05
C VAL A 175 -0.95 3.69 7.20
N ILE A 176 -0.60 2.48 6.80
CA ILE A 176 -1.53 1.37 6.89
C ILE A 176 -1.02 0.26 7.78
N GLY A 177 -1.68 0.11 8.92
CA GLY A 177 -1.36 -0.93 9.87
C GLY A 177 -2.04 -2.19 9.36
N ARG A 178 -1.25 -3.19 8.99
CA ARG A 178 -1.84 -4.41 8.46
C ARG A 178 -1.88 -5.64 9.34
N PRO A 179 -2.80 -6.57 9.02
CA PRO A 179 -2.97 -7.82 9.76
C PRO A 179 -1.71 -8.61 10.07
N SER A 180 -1.46 -8.83 11.35
CA SER A 180 -0.32 -9.62 11.82
C SER A 180 -0.96 -10.68 12.70
N VAL A 181 -0.45 -11.91 12.67
CA VAL A 181 -1.10 -12.94 13.46
C VAL A 181 -0.96 -12.72 14.96
N ASN A 182 -0.07 -11.81 15.33
CA ASN A 182 0.14 -11.47 16.73
C ASN A 182 -0.16 -9.99 16.86
N GLY A 183 -1.01 -9.49 15.96
CA GLY A 183 -1.35 -8.08 15.99
C GLY A 183 -2.77 -7.89 15.54
N LEU A 184 -2.95 -7.00 14.57
CA LEU A 184 -4.26 -6.67 14.02
C LEU A 184 -4.92 -7.80 13.24
N ALA A 185 -6.24 -7.75 13.16
CA ALA A 185 -7.02 -8.75 12.41
C ALA A 185 -7.59 -8.02 11.21
N TYR A 186 -7.67 -6.69 11.33
CA TYR A 186 -8.18 -5.87 10.25
C TYR A 186 -7.26 -4.69 10.02
N ALA A 187 -7.23 -4.21 8.79
CA ALA A 187 -6.38 -3.10 8.41
C ALA A 187 -6.84 -1.79 9.05
N GLU A 188 -5.86 -0.97 9.46
CA GLU A 188 -6.13 0.35 10.04
C GLU A 188 -5.52 1.39 9.09
N TYR A 189 -6.30 2.41 8.73
CA TYR A 189 -5.87 3.47 7.82
C TYR A 189 -5.70 4.78 8.59
N VAL A 190 -4.48 5.32 8.59
CA VAL A 190 -4.16 6.55 9.32
C VAL A 190 -3.68 7.72 8.48
N ILE A 191 -4.08 8.91 8.87
CA ILE A 191 -3.64 10.12 8.22
C ILE A 191 -3.19 11.05 9.35
N TYR A 192 -2.26 11.94 9.06
CA TYR A 192 -1.74 12.83 10.08
C TYR A 192 -2.07 14.28 9.78
N ARG A 193 -2.90 14.46 8.76
CA ARG A 193 -3.36 15.76 8.34
C ARG A 193 -4.87 15.70 8.19
N GLY A 194 -5.57 16.38 9.08
CA GLY A 194 -7.02 16.40 9.04
C GLY A 194 -7.62 16.72 7.68
N GLU A 195 -6.95 17.58 6.91
CA GLU A 195 -7.46 17.97 5.60
C GLU A 195 -7.42 16.83 4.58
N GLN A 196 -6.82 15.70 4.94
CA GLN A 196 -6.79 14.57 4.02
C GLN A 196 -8.05 13.70 4.09
N ALA A 197 -9.04 14.14 4.86
CA ALA A 197 -10.28 13.39 4.96
C ALA A 197 -11.47 14.34 4.96
N TYR A 198 -12.49 14.01 4.20
CA TYR A 198 -13.68 14.84 4.20
C TYR A 198 -14.84 13.97 4.70
N PRO A 199 -15.51 14.39 5.79
CA PRO A 199 -16.64 13.68 6.39
C PRO A 199 -17.85 13.84 5.49
N GLU A 200 -17.91 12.99 4.46
CA GLU A 200 -19.00 13.02 3.47
C GLU A 200 -20.38 12.66 4.04
N TYR A 201 -20.48 11.62 4.86
CA TYR A 201 -21.76 11.20 5.40
C TYR A 201 -21.85 11.02 6.90
N LEU A 202 -22.91 11.56 7.50
CA LEU A 202 -23.14 11.41 8.92
C LEU A 202 -24.22 10.36 9.13
N ILE A 203 -23.85 9.22 9.71
CA ILE A 203 -24.78 8.10 9.92
C ILE A 203 -25.28 7.96 11.37
N THR A 204 -26.59 8.12 11.57
CA THR A 204 -27.18 8.00 12.88
C THR A 204 -27.81 6.62 12.92
N TYR A 205 -27.49 5.85 13.96
CA TYR A 205 -28.01 4.50 14.05
C TYR A 205 -27.92 3.92 15.46
N GLN A 206 -28.31 2.66 15.55
CA GLN A 206 -28.26 1.90 16.77
C GLN A 206 -27.85 0.50 16.40
N ILE A 207 -27.31 -0.23 17.36
CA ILE A 207 -26.98 -1.62 17.09
C ILE A 207 -28.26 -2.32 17.56
N MET A 208 -28.68 -3.35 16.84
CA MET A 208 -29.89 -4.08 17.21
C MET A 208 -29.50 -5.39 17.89
N LYS A 209 -30.31 -5.83 18.84
CA LYS A 209 -30.02 -7.07 19.56
C LYS A 209 -30.19 -8.27 18.65
N PRO A 210 -29.46 -9.36 18.92
CA PRO A 210 -29.61 -10.54 18.07
C PRO A 210 -31.05 -11.00 18.25
N GLU A 211 -31.71 -11.38 17.17
CA GLU A 211 -33.09 -11.83 17.27
C GLU A 211 -33.14 -13.26 17.82
N HIS A 212 -34.26 -13.61 18.44
CA HIS A 212 -34.43 -14.97 18.96
C HIS A 212 -35.52 -15.66 18.14
N GLN B 1 9.07 -9.50 -34.99
CA GLN B 1 8.58 -10.72 -34.26
C GLN B 1 9.17 -10.87 -32.87
N GLY B 2 10.14 -10.02 -32.51
CA GLY B 2 10.76 -10.14 -31.19
C GLY B 2 11.17 -8.88 -30.43
N THR B 3 12.13 -9.05 -29.54
CA THR B 3 12.66 -7.99 -28.69
C THR B 3 13.77 -7.19 -29.36
N ILE B 4 13.77 -5.88 -29.08
CA ILE B 4 14.75 -4.97 -29.64
C ILE B 4 15.41 -4.15 -28.53
N LEU B 5 16.74 -4.13 -28.51
CA LEU B 5 17.47 -3.39 -27.48
C LEU B 5 17.92 -2.04 -28.05
N LEU B 6 17.52 -0.95 -27.39
CA LEU B 6 17.87 0.37 -27.83
C LEU B 6 18.84 0.98 -26.83
N ASP B 7 20.09 1.16 -27.24
CA ASP B 7 21.12 1.73 -26.36
C ASP B 7 20.87 3.19 -26.07
N LEU B 8 20.97 3.55 -24.80
CA LEU B 8 20.79 4.95 -24.39
C LEU B 8 22.15 5.67 -24.33
N ALA B 9 22.17 6.93 -24.74
CA ALA B 9 23.42 7.69 -24.70
C ALA B 9 23.58 8.21 -23.28
N PRO B 10 24.80 8.20 -22.75
CA PRO B 10 25.10 8.68 -21.40
C PRO B 10 24.71 10.14 -21.21
N GLU B 11 24.66 10.88 -22.30
CA GLU B 11 24.30 12.28 -22.22
C GLU B 11 22.80 12.51 -22.12
N ASP B 12 22.02 11.40 -22.20
CA ASP B 12 20.53 11.48 -22.10
C ASP B 12 20.03 11.42 -20.67
N LYS B 13 19.07 12.28 -20.30
CA LYS B 13 18.46 12.29 -18.96
C LYS B 13 17.90 10.89 -18.60
N GLU B 14 17.42 10.14 -19.59
CA GLU B 14 16.87 8.82 -19.34
C GLU B 14 17.97 7.90 -18.80
N TYR B 15 19.08 7.80 -19.53
CA TYR B 15 20.20 6.98 -19.10
C TYR B 15 20.62 7.46 -17.72
N GLN B 16 20.80 8.77 -17.60
CA GLN B 16 21.23 9.38 -16.36
C GLN B 16 20.34 9.08 -15.17
N SER B 17 19.02 9.10 -15.40
CA SER B 17 18.05 8.81 -14.36
C SER B 17 18.16 7.38 -13.88
N VAL B 18 18.29 6.45 -14.81
CA VAL B 18 18.42 5.04 -14.48
C VAL B 18 19.71 4.72 -13.72
N GLU B 19 20.85 5.28 -14.14
CA GLU B 19 22.10 4.98 -13.43
C GLU B 19 22.06 5.48 -12.01
N GLU B 20 21.49 6.67 -11.82
CA GLU B 20 21.39 7.29 -10.51
C GLU B 20 20.61 6.43 -9.51
N GLU B 21 19.45 5.90 -9.92
CA GLU B 21 18.66 5.05 -9.02
C GLU B 21 19.47 3.81 -8.66
N MET B 22 20.24 3.31 -9.62
CA MET B 22 21.05 2.14 -9.38
C MET B 22 22.24 2.42 -8.46
N GLN B 23 22.90 3.57 -8.61
CA GLN B 23 24.04 3.90 -7.76
C GLN B 23 23.61 4.28 -6.34
N SER B 24 22.54 5.08 -6.25
CA SER B 24 22.03 5.57 -4.99
C SER B 24 21.35 4.53 -4.11
N THR B 25 20.91 3.41 -4.69
CA THR B 25 20.24 2.40 -3.89
C THR B 25 21.17 1.28 -3.42
N ILE B 26 22.47 1.53 -3.50
CA ILE B 26 23.43 0.54 -3.02
C ILE B 26 23.37 0.64 -1.50
N ARG B 27 23.40 -0.49 -0.80
CA ARG B 27 23.37 -0.46 0.65
C ARG B 27 24.15 -1.61 1.29
N GLU B 28 24.56 -1.40 2.54
CA GLU B 28 25.31 -2.40 3.31
C GLU B 28 24.38 -3.56 3.66
N HIS B 29 24.80 -4.78 3.39
CA HIS B 29 23.97 -5.94 3.69
C HIS B 29 24.53 -6.68 4.88
N ARG B 30 23.71 -7.53 5.48
CA ARG B 30 24.12 -8.32 6.65
C ARG B 30 25.09 -9.43 6.27
N ASP B 31 25.41 -9.50 4.99
CA ASP B 31 26.26 -10.53 4.41
C ASP B 31 27.76 -10.24 4.42
N GLY B 32 28.12 -8.99 4.63
CA GLY B 32 29.52 -8.64 4.60
C GLY B 32 30.01 -8.65 3.17
N GLY B 33 29.07 -8.70 2.22
CA GLY B 33 29.42 -8.72 0.80
C GLY B 33 29.64 -10.11 0.25
N ASN B 34 29.33 -11.11 1.07
CA ASN B 34 29.54 -12.50 0.68
C ASN B 34 28.74 -12.93 -0.54
N ALA B 35 27.49 -12.47 -0.62
CA ALA B 35 26.62 -12.83 -1.75
C ALA B 35 26.85 -12.05 -3.05
N GLY B 36 26.94 -10.72 -2.97
CA GLY B 36 27.13 -9.94 -4.18
C GLY B 36 28.46 -9.23 -4.37
N GLY B 37 29.43 -9.55 -3.52
CA GLY B 37 30.73 -8.92 -3.63
C GLY B 37 30.92 -7.70 -2.74
N ILE B 38 32.14 -7.19 -2.69
CA ILE B 38 32.49 -6.04 -1.88
C ILE B 38 32.73 -4.83 -2.78
N PHE B 39 31.92 -3.78 -2.61
CA PHE B 39 32.03 -2.58 -3.43
C PHE B 39 31.27 -1.39 -2.82
N ASN B 40 31.55 -0.21 -3.35
CA ASN B 40 30.90 1.01 -2.91
C ASN B 40 30.09 1.57 -4.08
N ARG B 41 30.48 1.17 -5.29
CA ARG B 41 29.78 1.64 -6.48
C ARG B 41 29.88 0.64 -7.62
N TYR B 42 29.17 0.94 -8.71
CA TYR B 42 29.17 0.11 -9.90
C TYR B 42 29.83 0.87 -11.03
N ASN B 43 30.28 0.15 -12.04
CA ASN B 43 30.82 0.79 -13.22
C ASN B 43 29.73 0.43 -14.23
N VAL B 44 28.75 1.31 -14.40
CA VAL B 44 27.68 1.01 -15.35
C VAL B 44 28.28 1.11 -16.74
N ILE B 45 28.35 0.06 -17.54
CA ILE B 45 28.94 0.26 -18.86
C ILE B 45 27.88 0.21 -19.97
N ARG B 46 26.63 -0.16 -19.70
CA ARG B 46 25.64 -0.19 -20.80
C ARG B 46 24.21 -0.24 -20.26
N ILE B 47 23.30 0.52 -20.89
CA ILE B 47 21.90 0.56 -20.48
C ILE B 47 21.09 0.60 -21.76
N GLN B 48 20.37 -0.48 -22.03
CA GLN B 48 19.56 -0.57 -23.22
C GLN B 48 18.09 -0.66 -22.88
N LYS B 49 17.25 -0.03 -23.71
CA LYS B 49 15.82 -0.05 -23.48
C LYS B 49 15.26 -1.25 -24.22
N VAL B 50 14.55 -2.11 -23.49
CA VAL B 50 13.98 -3.32 -24.09
C VAL B 50 12.68 -3.01 -24.82
N VAL B 51 12.61 -3.38 -26.10
CA VAL B 51 11.42 -3.13 -26.89
C VAL B 51 10.84 -4.41 -27.47
N ASN B 52 9.59 -4.69 -27.09
CA ASN B 52 8.85 -5.86 -27.54
C ASN B 52 7.35 -5.53 -27.46
N LYS B 53 6.76 -5.22 -28.60
CA LYS B 53 5.34 -4.86 -28.67
C LYS B 53 4.41 -5.91 -28.06
N LYS B 54 4.62 -7.18 -28.39
CA LYS B 54 3.77 -8.23 -27.86
C LYS B 54 3.84 -8.23 -26.34
N LEU B 55 5.05 -8.32 -25.78
CA LEU B 55 5.23 -8.33 -24.35
C LEU B 55 4.58 -7.13 -23.66
N ARG B 56 4.57 -5.97 -24.31
CA ARG B 56 3.94 -4.82 -23.68
C ARG B 56 2.43 -4.89 -23.79
N GLU B 57 1.94 -5.70 -24.73
CA GLU B 57 0.50 -5.86 -24.91
C GLU B 57 -0.05 -6.62 -23.71
N ARG B 58 0.63 -7.69 -23.33
CA ARG B 58 0.17 -8.48 -22.17
C ARG B 58 0.28 -7.63 -20.92
N PHE B 59 1.47 -7.08 -20.68
CA PHE B 59 1.72 -6.25 -19.52
C PHE B 59 0.59 -5.24 -19.32
N CYS B 60 0.29 -4.48 -20.38
CA CYS B 60 -0.78 -3.46 -20.33
C CYS B 60 -2.19 -4.06 -20.17
N HIS B 61 -2.39 -5.26 -20.68
CA HIS B 61 -3.68 -5.92 -20.58
C HIS B 61 -3.92 -6.35 -19.14
N ARG B 62 -2.89 -6.93 -18.54
CA ARG B 62 -2.98 -7.39 -17.17
C ARG B 62 -3.07 -6.21 -16.20
N GLN B 63 -2.45 -5.08 -16.54
CA GLN B 63 -2.46 -3.91 -15.67
C GLN B 63 -3.87 -3.35 -15.56
N LYS B 64 -4.62 -3.43 -16.65
CA LYS B 64 -5.98 -2.96 -16.62
C LYS B 64 -6.79 -3.84 -15.67
N GLU B 65 -6.60 -5.16 -15.79
CA GLU B 65 -7.31 -6.09 -14.93
C GLU B 65 -7.03 -5.85 -13.47
N VAL B 66 -5.79 -5.50 -13.14
CA VAL B 66 -5.45 -5.24 -11.76
C VAL B 66 -6.09 -3.93 -11.29
N SER B 67 -6.14 -2.94 -12.16
CA SER B 67 -6.77 -1.66 -11.82
C SER B 67 -8.24 -1.87 -11.50
N GLU B 68 -8.94 -2.62 -12.35
CA GLU B 68 -10.37 -2.85 -12.13
C GLU B 68 -10.65 -3.47 -10.76
N GLU B 69 -9.68 -4.26 -10.28
CA GLU B 69 -9.76 -4.99 -9.00
C GLU B 69 -9.18 -4.29 -7.79
N ASN B 70 -8.69 -3.06 -7.95
CA ASN B 70 -8.03 -2.39 -6.84
C ASN B 70 -8.40 -0.90 -6.82
N HIS B 71 -9.70 -0.62 -6.83
CA HIS B 71 -10.21 0.75 -6.84
C HIS B 71 -9.49 1.60 -7.89
N ASN B 72 -9.28 1.01 -9.06
CA ASN B 72 -8.64 1.71 -10.17
C ASN B 72 -7.22 2.22 -9.84
N HIS B 73 -6.44 1.38 -9.18
CA HIS B 73 -5.05 1.72 -8.85
C HIS B 73 -4.19 0.50 -9.14
N HIS B 74 -3.45 0.52 -10.24
CA HIS B 74 -2.62 -0.63 -10.54
C HIS B 74 -1.37 -0.60 -9.67
N ASN B 75 -1.08 0.57 -9.09
CA ASN B 75 0.08 0.76 -8.20
C ASN B 75 1.36 0.24 -8.83
N GLU B 76 1.75 0.88 -9.93
CA GLU B 76 2.97 0.50 -10.63
C GLU B 76 4.21 1.07 -9.92
N ARG B 77 5.31 0.33 -10.01
CA ARG B 77 6.55 0.75 -9.39
C ARG B 77 7.75 0.28 -10.19
N MET B 78 8.80 1.07 -10.20
CA MET B 78 10.02 0.70 -10.90
C MET B 78 10.89 -0.02 -9.88
N LEU B 79 11.22 -1.28 -10.17
CA LEU B 79 12.04 -2.06 -9.26
C LEU B 79 13.13 -2.80 -9.99
N PHE B 80 14.18 -3.16 -9.25
CA PHE B 80 15.29 -3.89 -9.84
C PHE B 80 15.03 -5.40 -9.78
N HIS B 81 15.67 -6.13 -10.69
CA HIS B 81 15.57 -7.59 -10.72
C HIS B 81 16.90 -8.20 -11.15
N GLY B 82 17.41 -9.11 -10.33
CA GLY B 82 18.66 -9.76 -10.66
C GLY B 82 18.46 -11.26 -10.69
N SER B 83 19.02 -11.94 -11.69
CA SER B 83 18.91 -13.38 -11.79
C SER B 83 19.70 -13.89 -13.00
N PRO B 84 20.08 -15.17 -13.00
CA PRO B 84 20.83 -15.79 -14.10
C PRO B 84 20.01 -15.90 -15.39
N PHE B 85 18.73 -15.59 -15.31
CA PHE B 85 17.85 -15.74 -16.46
C PHE B 85 17.52 -14.51 -17.28
N ILE B 86 18.13 -13.38 -16.94
CA ILE B 86 17.89 -12.11 -17.64
C ILE B 86 17.80 -12.23 -19.17
N ASN B 87 18.65 -13.02 -19.80
CA ASN B 87 18.58 -13.10 -21.26
C ASN B 87 17.31 -13.74 -21.76
N ALA B 88 16.82 -14.75 -21.05
CA ALA B 88 15.58 -15.39 -21.46
C ALA B 88 14.42 -14.41 -21.22
N ILE B 89 14.44 -13.72 -20.08
CA ILE B 89 13.39 -12.78 -19.71
C ILE B 89 13.19 -11.63 -20.70
N ILE B 90 14.27 -11.03 -21.17
CA ILE B 90 14.13 -9.93 -22.14
C ILE B 90 13.57 -10.41 -23.47
N HIS B 91 13.71 -11.70 -23.74
CA HIS B 91 13.23 -12.32 -24.98
C HIS B 91 11.81 -12.88 -24.90
N LYS B 92 11.51 -13.60 -23.82
CA LYS B 92 10.21 -14.24 -23.65
C LYS B 92 9.33 -13.59 -22.57
N GLY B 93 9.92 -12.76 -21.73
CA GLY B 93 9.17 -12.12 -20.67
C GLY B 93 9.29 -12.93 -19.39
N PHE B 94 8.77 -12.37 -18.29
CA PHE B 94 8.78 -13.07 -17.01
C PHE B 94 7.74 -14.20 -17.09
N ASP B 95 8.13 -15.38 -16.64
CA ASP B 95 7.26 -16.53 -16.69
C ASP B 95 7.31 -17.26 -15.36
N GLU B 96 6.24 -17.15 -14.56
CA GLU B 96 6.20 -17.78 -13.24
C GLU B 96 6.38 -19.29 -13.26
N ARG B 97 6.22 -19.91 -14.42
CA ARG B 97 6.37 -21.35 -14.55
C ARG B 97 7.78 -21.79 -14.23
N HIS B 98 8.70 -20.83 -14.14
CA HIS B 98 10.09 -21.15 -13.81
C HIS B 98 10.40 -20.84 -12.35
N ALA B 99 9.38 -20.41 -11.61
CA ALA B 99 9.52 -20.07 -10.19
C ALA B 99 9.02 -21.23 -9.31
N TYR B 100 9.78 -21.60 -8.26
CA TYR B 100 9.39 -22.71 -7.37
C TYR B 100 9.43 -22.47 -5.85
N ILE B 101 8.59 -23.20 -5.13
CA ILE B 101 8.54 -23.08 -3.67
C ILE B 101 9.81 -23.70 -3.13
N PHE B 105 11.93 -18.91 -0.36
CA PHE B 105 11.17 -18.11 -1.32
C PHE B 105 9.97 -18.91 -1.77
N GLY B 106 8.94 -18.21 -2.26
CA GLY B 106 7.73 -18.88 -2.73
C GLY B 106 7.83 -19.05 -4.23
N ALA B 107 6.79 -19.57 -4.87
CA ALA B 107 6.88 -19.75 -6.32
C ALA B 107 6.59 -18.44 -7.06
N GLY B 108 7.38 -17.42 -6.75
CA GLY B 108 7.21 -16.13 -7.41
C GLY B 108 8.48 -15.53 -7.98
N ILE B 109 8.35 -14.32 -8.52
CA ILE B 109 9.46 -13.57 -9.13
C ILE B 109 9.76 -12.42 -8.13
N TYR B 110 11.02 -12.33 -7.70
CA TYR B 110 11.44 -11.32 -6.73
C TYR B 110 12.07 -10.07 -7.29
N PHE B 111 11.71 -8.93 -6.71
CA PHE B 111 12.17 -7.62 -7.13
C PHE B 111 12.58 -6.84 -5.88
N ALA B 112 13.35 -5.79 -6.06
CA ALA B 112 13.78 -5.01 -4.90
C ALA B 112 13.92 -3.53 -5.20
N GLU B 113 13.79 -2.73 -4.15
CA GLU B 113 13.96 -1.30 -4.27
C GLU B 113 15.45 -1.01 -4.38
N ASN B 114 16.29 -1.87 -3.80
CA ASN B 114 17.73 -1.68 -3.86
C ASN B 114 18.46 -2.50 -4.93
N SER B 115 19.31 -1.82 -5.70
CA SER B 115 20.09 -2.49 -6.73
C SER B 115 21.12 -3.45 -6.10
N SER B 116 21.59 -3.15 -4.90
CA SER B 116 22.55 -4.06 -4.28
C SER B 116 21.91 -5.39 -3.89
N LYS B 117 20.62 -5.37 -3.58
CA LYS B 117 19.90 -6.60 -3.22
C LYS B 117 19.70 -7.51 -4.44
N SER B 118 19.39 -6.92 -5.60
CA SER B 118 19.20 -7.71 -6.80
C SER B 118 20.55 -8.28 -7.24
N ASN B 119 21.61 -7.50 -7.03
CA ASN B 119 22.97 -7.93 -7.39
C ASN B 119 23.36 -9.23 -6.69
N GLN B 120 22.82 -9.45 -5.50
CA GLN B 120 23.07 -10.67 -4.75
C GLN B 120 22.56 -11.94 -5.44
N TYR B 121 21.65 -11.78 -6.41
CA TYR B 121 21.06 -12.90 -7.13
C TYR B 121 21.53 -13.07 -8.55
N VAL B 122 22.36 -12.15 -9.01
CA VAL B 122 22.87 -12.21 -10.37
C VAL B 122 23.44 -13.58 -10.73
N TYR B 123 24.25 -14.16 -9.86
CA TYR B 123 24.86 -15.47 -10.10
C TYR B 123 24.15 -16.64 -9.44
N GLY B 124 22.99 -16.38 -8.84
CA GLY B 124 22.25 -17.44 -8.19
C GLY B 124 21.87 -17.06 -6.77
N ILE B 125 21.12 -17.92 -6.11
CA ILE B 125 20.71 -17.71 -4.73
C ILE B 125 21.98 -17.63 -3.90
N GLY B 126 22.01 -16.70 -2.95
CA GLY B 126 23.19 -16.53 -2.12
C GLY B 126 24.40 -16.15 -2.94
N GLY B 127 24.22 -16.00 -4.25
CA GLY B 127 25.34 -15.65 -5.11
C GLY B 127 25.84 -16.84 -5.88
N GLY B 128 25.20 -17.99 -5.65
CA GLY B 128 25.58 -19.21 -6.33
C GLY B 128 27.05 -19.49 -6.25
N THR B 129 27.66 -19.80 -7.38
CA THR B 129 29.08 -20.11 -7.42
C THR B 129 29.88 -18.92 -7.96
N GLY B 130 29.35 -17.70 -7.79
CA GLY B 130 30.05 -16.52 -8.28
C GLY B 130 30.08 -16.55 -9.79
N CYS B 131 30.96 -15.77 -10.42
CA CYS B 131 31.04 -15.74 -11.88
C CYS B 131 31.40 -17.10 -12.46
N PRO B 132 30.89 -17.42 -13.65
CA PRO B 132 31.20 -18.71 -14.28
C PRO B 132 32.70 -18.88 -14.51
N THR B 133 33.31 -17.88 -15.14
CA THR B 133 34.73 -17.94 -15.44
C THR B 133 35.65 -18.02 -14.23
N HIS B 134 35.51 -17.12 -13.27
CA HIS B 134 36.37 -17.12 -12.08
C HIS B 134 35.74 -17.70 -10.82
N LYS B 135 34.54 -18.27 -10.94
CA LYS B 135 33.86 -18.85 -9.77
C LYS B 135 33.96 -17.92 -8.56
N ASP B 136 33.92 -16.62 -8.83
CA ASP B 136 34.07 -15.60 -7.80
C ASP B 136 32.84 -14.70 -7.66
N ARG B 137 32.29 -14.62 -6.45
CA ARG B 137 31.12 -13.79 -6.23
C ARG B 137 31.44 -12.32 -6.20
N SER B 138 32.63 -11.96 -5.71
CA SER B 138 33.02 -10.56 -5.68
C SER B 138 33.89 -10.16 -6.88
N CYS B 139 33.73 -10.88 -8.00
CA CYS B 139 34.51 -10.62 -9.21
C CYS B 139 34.29 -9.23 -9.80
N TYR B 140 35.39 -8.55 -10.11
CA TYR B 140 35.34 -7.20 -10.67
C TYR B 140 35.62 -7.16 -12.18
N ILE B 141 35.90 -8.33 -12.73
CA ILE B 141 36.21 -8.48 -14.14
C ILE B 141 34.98 -8.78 -15.01
N CYS B 142 34.29 -9.87 -14.69
CA CYS B 142 33.12 -10.26 -15.45
C CYS B 142 31.96 -9.26 -15.40
N HIS B 143 31.29 -9.09 -16.54
CA HIS B 143 30.17 -8.17 -16.62
C HIS B 143 28.86 -8.79 -16.15
N ARG B 144 28.13 -8.04 -15.34
CA ARG B 144 26.86 -8.52 -14.83
C ARG B 144 25.74 -7.72 -15.50
N GLN B 145 24.52 -8.23 -15.36
CA GLN B 145 23.35 -7.59 -15.93
C GLN B 145 22.20 -7.57 -14.96
N MET B 146 21.49 -6.46 -14.89
CA MET B 146 20.33 -6.41 -14.03
C MET B 146 19.21 -5.69 -14.76
N LEU B 147 17.98 -5.91 -14.34
CA LEU B 147 16.85 -5.29 -15.01
C LEU B 147 16.10 -4.27 -14.17
N PHE B 148 15.83 -3.12 -14.75
CA PHE B 148 15.08 -2.10 -14.07
C PHE B 148 13.71 -2.24 -14.72
N CYS B 149 12.73 -2.74 -13.97
CA CYS B 149 11.40 -3.00 -14.53
C CYS B 149 10.19 -2.25 -14.00
N ARG B 150 9.12 -2.30 -14.80
CA ARG B 150 7.85 -1.73 -14.40
C ARG B 150 7.13 -2.90 -13.75
N VAL B 151 6.67 -2.72 -12.53
CA VAL B 151 5.98 -3.79 -11.84
C VAL B 151 4.61 -3.34 -11.36
N THR B 152 3.60 -4.11 -11.75
CA THR B 152 2.22 -3.87 -11.38
C THR B 152 2.02 -4.59 -10.04
N LEU B 153 1.97 -3.81 -8.96
CA LEU B 153 1.81 -4.39 -7.63
C LEU B 153 0.36 -4.51 -7.17
N GLY B 154 -0.53 -3.68 -7.71
CA GLY B 154 -1.91 -3.72 -7.28
C GLY B 154 -1.95 -3.63 -5.76
N LYS B 155 -2.77 -4.46 -5.11
CA LYS B 155 -2.84 -4.48 -3.65
C LYS B 155 -1.78 -5.43 -3.12
N SER B 156 -0.77 -4.91 -2.45
CA SER B 156 0.31 -5.74 -1.93
C SER B 156 0.03 -6.36 -0.58
N PHE B 157 0.33 -7.64 -0.42
CA PHE B 157 0.12 -8.32 0.85
C PHE B 157 1.41 -8.32 1.69
N LEU B 158 1.35 -7.75 2.89
CA LEU B 158 2.54 -7.69 3.77
C LEU B 158 2.69 -8.98 4.58
N GLN B 159 3.72 -9.78 4.29
CA GLN B 159 3.93 -11.04 5.01
C GLN B 159 4.73 -10.87 6.29
N PHE B 160 4.31 -11.59 7.30
CA PHE B 160 4.87 -11.54 8.64
C PHE B 160 5.64 -12.78 9.08
N SER B 161 5.59 -13.85 8.28
CA SER B 161 6.27 -15.10 8.58
C SER B 161 5.86 -16.16 7.56
N LYS B 164 5.95 -19.08 1.82
CA LYS B 164 5.99 -20.31 1.01
C LYS B 164 4.73 -20.40 0.14
N MET B 165 4.27 -19.26 -0.36
CA MET B 165 3.05 -19.19 -1.18
C MET B 165 3.14 -19.56 -2.67
N ALA B 166 1.99 -19.81 -3.30
CA ALA B 166 1.96 -20.19 -4.71
C ALA B 166 1.40 -19.06 -5.57
N HIS B 167 0.39 -18.39 -5.03
CA HIS B 167 -0.24 -17.28 -5.71
C HIS B 167 -0.41 -16.15 -4.72
N ALA B 168 -0.85 -14.99 -5.20
CA ALA B 168 -1.08 -13.85 -4.35
C ALA B 168 -2.31 -14.22 -3.50
N PRO B 169 -2.37 -13.75 -2.25
CA PRO B 169 -3.53 -14.08 -1.42
C PRO B 169 -4.78 -13.45 -2.01
N PRO B 170 -5.96 -14.01 -1.73
CA PRO B 170 -7.24 -13.47 -2.24
C PRO B 170 -7.34 -11.97 -2.02
N GLY B 171 -7.76 -11.25 -3.04
CA GLY B 171 -7.88 -9.81 -2.93
C GLY B 171 -6.57 -9.06 -3.08
N HIS B 172 -5.46 -9.78 -3.33
CA HIS B 172 -4.16 -9.15 -3.49
C HIS B 172 -3.53 -9.46 -4.84
N HIS B 173 -2.51 -8.70 -5.21
CA HIS B 173 -1.85 -8.91 -6.49
C HIS B 173 -0.34 -9.03 -6.35
N SER B 174 0.15 -8.92 -5.12
CA SER B 174 1.58 -9.03 -4.87
C SER B 174 1.88 -9.18 -3.39
N VAL B 175 3.12 -9.54 -3.08
CA VAL B 175 3.54 -9.72 -1.71
C VAL B 175 4.80 -8.93 -1.38
N ILE B 176 4.75 -8.15 -0.30
CA ILE B 176 5.90 -7.37 0.12
C ILE B 176 6.51 -8.09 1.34
N GLY B 177 7.78 -8.44 1.24
CA GLY B 177 8.44 -9.13 2.34
C GLY B 177 9.03 -8.18 3.36
N TYR B 186 15.03 -2.80 3.60
CA TYR B 186 14.78 -1.90 2.48
C TYR B 186 13.62 -2.32 1.54
N ALA B 187 13.01 -3.47 1.82
CA ALA B 187 11.86 -4.03 1.07
C ALA B 187 12.10 -4.83 -0.21
N GLU B 188 11.49 -6.01 -0.26
CA GLU B 188 11.57 -6.89 -1.42
C GLU B 188 10.11 -7.17 -1.85
N TYR B 189 9.89 -7.30 -3.15
CA TYR B 189 8.54 -7.53 -3.67
C TYR B 189 8.42 -8.80 -4.52
N VAL B 190 7.24 -9.43 -4.48
CA VAL B 190 7.01 -10.64 -5.24
C VAL B 190 5.70 -10.63 -6.04
N ILE B 191 5.73 -11.22 -7.22
CA ILE B 191 4.55 -11.32 -8.07
C ILE B 191 4.52 -12.78 -8.53
N TYR B 192 3.33 -13.30 -8.75
CA TYR B 192 3.15 -14.69 -9.16
C TYR B 192 2.62 -14.79 -10.57
N ARG B 193 2.61 -13.65 -11.26
CA ARG B 193 2.17 -13.58 -12.65
C ARG B 193 3.25 -12.81 -13.39
N GLY B 194 3.86 -13.45 -14.39
CA GLY B 194 4.90 -12.82 -15.16
C GLY B 194 4.42 -11.61 -15.94
N GLU B 195 3.12 -11.52 -16.20
CA GLU B 195 2.58 -10.39 -16.95
C GLU B 195 2.55 -9.13 -16.12
N GLN B 196 2.83 -9.23 -14.83
CA GLN B 196 2.80 -8.05 -13.98
C GLN B 196 4.11 -7.25 -13.94
N ALA B 197 5.09 -7.69 -14.73
CA ALA B 197 6.38 -6.99 -14.76
C ALA B 197 6.85 -6.88 -16.20
N TYR B 198 7.33 -5.70 -16.55
CA TYR B 198 7.85 -5.47 -17.89
C TYR B 198 9.30 -5.03 -17.74
N PRO B 199 10.24 -5.79 -18.31
CA PRO B 199 11.66 -5.49 -18.24
C PRO B 199 12.07 -4.30 -19.10
N GLU B 200 11.82 -3.10 -18.58
CA GLU B 200 12.09 -1.83 -19.25
C GLU B 200 13.57 -1.57 -19.60
N TYR B 201 14.46 -1.70 -18.62
CA TYR B 201 15.88 -1.45 -18.85
C TYR B 201 16.81 -2.61 -18.56
N LEU B 202 17.69 -2.89 -19.51
CA LEU B 202 18.69 -3.94 -19.36
C LEU B 202 19.99 -3.23 -19.04
N ILE B 203 20.51 -3.45 -17.84
CA ILE B 203 21.75 -2.79 -17.47
C ILE B 203 22.95 -3.72 -17.40
N THR B 204 24.04 -3.30 -18.04
CA THR B 204 25.26 -4.08 -18.04
C THR B 204 26.21 -3.32 -17.14
N TYR B 205 26.81 -4.00 -16.17
CA TYR B 205 27.70 -3.32 -15.25
C TYR B 205 28.68 -4.27 -14.57
N GLN B 206 29.49 -3.67 -13.71
CA GLN B 206 30.46 -4.38 -12.89
C GLN B 206 30.43 -3.68 -11.54
N ILE B 207 30.82 -4.41 -10.51
CA ILE B 207 30.94 -3.82 -9.19
C ILE B 207 32.41 -3.43 -9.22
N MET B 208 32.74 -2.33 -8.56
CA MET B 208 34.12 -1.85 -8.54
C MET B 208 34.71 -2.05 -7.16
N LYS B 209 36.02 -2.27 -7.12
CA LYS B 209 36.70 -2.46 -5.86
C LYS B 209 36.68 -1.15 -5.08
N PRO B 210 36.67 -1.25 -3.74
CA PRO B 210 36.66 -0.05 -2.89
C PRO B 210 38.00 0.60 -3.18
N GLU B 211 38.06 1.93 -3.15
CA GLU B 211 39.33 2.61 -3.45
C GLU B 211 40.22 2.90 -2.24
N HIS B 212 41.50 3.18 -2.53
CA HIS B 212 42.55 3.46 -1.54
C HIS B 212 43.46 2.24 -1.42
#